data_4PHY
#
_entry.id   4PHY
#
_cell.length_a   79.611
_cell.length_b   79.611
_cell.length_c   100.940
_cell.angle_alpha   90.00
_cell.angle_beta   90.00
_cell.angle_gamma   120.00
#
_symmetry.space_group_name_H-M   'P 63 2 2'
#
loop_
_entity.id
_entity.type
_entity.pdbx_description
1 polymer 'RNA (26-MER)'
2 polymer "RNA (5'-R(*GP*CP*AP*GP*GP*AP*AP*CP*CP*GP*AP*GP*AP*GP*GP*CP*AP*CP*GP*C)-3')"
3 non-polymer 'MAGNESIUM ION'
4 non-polymer 'ACETATE ION'
#
loop_
_entity_poly.entity_id
_entity_poly.type
_entity_poly.pdbx_seq_one_letter_code
_entity_poly.pdbx_strand_id
1 'polyribonucleotide' CGUGCUCCCCACCUCGGAUCACUGCG A
2 'polyribonucleotide' GCAGGAACCGAGAGGCACGC B
#